data_5O2X
#
_entry.id   5O2X
#
_cell.length_a   42.820
_cell.length_b   61.550
_cell.length_c   47.780
_cell.angle_alpha   90.00
_cell.angle_beta   112.03
_cell.angle_gamma   90.00
#
_symmetry.space_group_name_H-M   'P 1 21 1'
#
loop_
_entity.id
_entity.type
_entity.pdbx_description
1 polymer 'Glycoside hydrolase family 61'
2 non-polymer 2-acetamido-2-deoxy-beta-D-glucopyranose
3 non-polymer alpha-D-mannopyranose
4 non-polymer 'COPPER (II) ION'
5 non-polymer 'SULFATE ION'
6 water water
#
_entity_poly.entity_id   1
_entity_poly.type   'polypeptide(L)'
_entity_poly.pdbx_seq_one_letter_code
;(HIC)GHINDIVINGVWYQAYDPTTFPYESNPPIVVGWTAADLDNGFVSPDAYQNPDIICHKNATNAKGHASVKAGDTIL
FQWVPVPWPHPGPIVDYLANCNGDCETVDKTTLEFFKIDGVGLLSGGDPGTWASDVLISNNNTWVVKIPDNLAPGNYVLR
HEIIALHSAGQANGAQNYPQCFNIAVSGSGSLQPSGVLGTDLYHATDPGVLINIYTSPLNYIIPGPTVVSGLPTSVAQGS
SAATATASATVP
;
_entity_poly.pdbx_strand_id   A
#
loop_
_chem_comp.id
_chem_comp.type
_chem_comp.name
_chem_comp.formula
CU non-polymer 'COPPER (II) ION' 'Cu 2'
MAN D-saccharide, alpha linking alpha-D-mannopyranose 'C6 H12 O6'
NAG D-saccharide, beta linking 2-acetamido-2-deoxy-beta-D-glucopyranose 'C8 H15 N O6'
SO4 non-polymer 'SULFATE ION' 'O4 S -2'
#
# COMPACT_ATOMS: atom_id res chain seq x y z
N HIC A 1 -9.33 10.77 -3.84
CA HIC A 1 -10.25 9.91 -3.10
C HIC A 1 -10.48 8.59 -3.82
O HIC A 1 -10.64 8.56 -5.04
CB HIC A 1 -11.61 10.61 -2.88
CG HIC A 1 -11.61 11.67 -1.85
ND1 HIC A 1 -10.72 12.72 -1.89
CD2 HIC A 1 -12.30 11.76 -0.71
CE1 HIC A 1 -10.98 13.47 -0.81
NE2 HIC A 1 -11.91 12.87 -0.07
CZ HIC A 1 -12.45 13.41 1.19
N GLY A 2 -10.50 7.53 -3.05
CA GLY A 2 -10.80 6.19 -3.54
C GLY A 2 -10.49 5.18 -2.48
N HIS A 3 -10.69 3.91 -2.83
CA HIS A 3 -10.30 2.82 -1.97
C HIS A 3 -9.98 1.62 -2.85
N ILE A 4 -9.33 0.61 -2.28
CA ILE A 4 -9.09 -0.62 -3.01
CA ILE A 4 -9.05 -0.64 -2.98
C ILE A 4 -10.30 -1.53 -2.93
N ASN A 5 -10.72 -2.02 -4.10
CA ASN A 5 -11.85 -2.93 -4.22
C ASN A 5 -11.43 -4.38 -4.08
N ASP A 6 -10.26 -4.74 -4.64
CA ASP A 6 -9.78 -6.10 -4.71
C ASP A 6 -8.29 -6.07 -4.92
N ILE A 7 -7.66 -7.20 -4.59
CA ILE A 7 -6.26 -7.44 -4.99
C ILE A 7 -6.23 -8.75 -5.78
N VAL A 8 -5.29 -8.85 -6.72
CA VAL A 8 -5.20 -10.03 -7.58
C VAL A 8 -3.78 -10.53 -7.51
N ILE A 9 -3.60 -11.73 -6.97
CA ILE A 9 -2.26 -12.27 -6.65
C ILE A 9 -1.99 -13.40 -7.62
N ASN A 10 -1.10 -13.19 -8.58
CA ASN A 10 -0.92 -14.21 -9.64
CA ASN A 10 -0.86 -14.15 -9.63
C ASN A 10 -2.19 -14.73 -10.19
N GLY A 11 -3.09 -13.80 -10.49
CA GLY A 11 -4.34 -14.19 -11.09
C GLY A 11 -5.49 -14.57 -10.19
N VAL A 12 -5.24 -14.60 -8.87
CA VAL A 12 -6.24 -15.01 -7.89
C VAL A 12 -6.80 -13.76 -7.21
N TRP A 13 -8.08 -13.52 -7.42
CA TRP A 13 -8.77 -12.35 -6.95
C TRP A 13 -9.23 -12.56 -5.47
N TYR A 14 -8.96 -11.55 -4.67
CA TYR A 14 -9.45 -11.45 -3.29
C TYR A 14 -10.26 -10.17 -3.12
N GLN A 15 -11.41 -10.30 -2.48
CA GLN A 15 -12.19 -9.14 -2.10
CA GLN A 15 -12.20 -9.15 -2.10
C GLN A 15 -11.42 -8.32 -1.09
N ALA A 16 -11.30 -7.02 -1.31
CA ALA A 16 -10.67 -6.16 -0.33
C ALA A 16 -11.72 -5.65 0.68
N TYR A 17 -11.25 -4.95 1.70
CA TYR A 17 -12.20 -4.23 2.56
C TYR A 17 -12.83 -3.11 1.76
N ASP A 18 -14.14 -2.96 1.82
CA ASP A 18 -14.83 -1.88 1.12
C ASP A 18 -15.45 -0.94 2.15
N PRO A 19 -14.79 0.18 2.44
CA PRO A 19 -15.29 1.09 3.48
C PRO A 19 -16.56 1.84 3.04
N THR A 20 -16.93 1.74 1.77
CA THR A 20 -18.15 2.36 1.25
C THR A 20 -19.32 1.42 1.26
N THR A 21 -19.11 0.18 1.71
CA THR A 21 -20.15 -0.85 1.67
C THR A 21 -20.21 -1.60 2.98
N PHE A 22 -19.09 -2.18 3.40
CA PHE A 22 -19.08 -3.06 4.57
C PHE A 22 -19.57 -2.41 5.86
N PRO A 23 -19.30 -1.11 6.12
CA PRO A 23 -19.79 -0.54 7.38
C PRO A 23 -21.31 -0.52 7.45
N TYR A 24 -21.97 -0.58 6.30
CA TYR A 24 -23.43 -0.53 6.24
C TYR A 24 -24.07 -1.90 6.40
N GLU A 25 -23.28 -2.98 6.33
CA GLU A 25 -23.78 -4.34 6.41
C GLU A 25 -23.88 -4.80 7.83
N SER A 26 -24.84 -5.68 8.11
CA SER A 26 -24.98 -6.33 9.40
C SER A 26 -23.79 -7.24 9.72
N ASN A 27 -23.34 -7.97 8.72
CA ASN A 27 -22.36 -9.02 8.92
C ASN A 27 -21.38 -9.01 7.77
N PRO A 28 -20.47 -8.03 7.74
CA PRO A 28 -19.55 -7.94 6.61
C PRO A 28 -18.62 -9.16 6.60
N PRO A 29 -18.13 -9.54 5.43
CA PRO A 29 -17.28 -10.71 5.32
C PRO A 29 -15.89 -10.49 5.90
N ILE A 30 -15.26 -11.61 6.25
CA ILE A 30 -13.84 -11.63 6.60
C ILE A 30 -13.05 -11.53 5.29
N VAL A 31 -12.15 -10.55 5.24
CA VAL A 31 -11.38 -10.26 4.03
C VAL A 31 -9.94 -10.00 4.40
N VAL A 32 -9.08 -9.92 3.37
CA VAL A 32 -7.64 -9.71 3.58
C VAL A 32 -7.29 -8.28 3.83
N GLY A 33 -8.19 -7.32 3.52
CA GLY A 33 -7.97 -5.91 3.77
C GLY A 33 -8.42 -5.52 5.15
N TRP A 34 -7.65 -4.64 5.81
CA TRP A 34 -8.01 -4.20 7.16
C TRP A 34 -9.32 -3.40 7.15
N THR A 35 -10.03 -3.51 8.27
CA THR A 35 -11.21 -2.67 8.47
C THR A 35 -10.77 -1.25 8.79
N ALA A 36 -11.33 -0.26 8.12
CA ALA A 36 -10.95 1.13 8.38
C ALA A 36 -12.15 2.03 8.15
N ALA A 37 -12.03 3.26 8.65
CA ALA A 37 -13.16 4.19 8.73
C ALA A 37 -13.12 5.27 7.65
N ASP A 38 -12.52 4.96 6.49
CA ASP A 38 -12.52 5.84 5.33
C ASP A 38 -13.78 5.71 4.49
N LEU A 39 -14.95 5.88 5.15
CA LEU A 39 -16.25 5.75 4.51
C LEU A 39 -16.46 6.78 3.38
N ASP A 40 -15.72 7.88 3.50
CA ASP A 40 -15.76 8.96 2.53
C ASP A 40 -14.72 8.82 1.42
N ASN A 41 -14.04 7.68 1.35
CA ASN A 41 -12.95 7.47 0.38
C ASN A 41 -11.78 8.43 0.62
N GLY A 42 -11.67 8.97 1.83
CA GLY A 42 -10.70 10.01 2.09
C GLY A 42 -9.34 9.53 2.60
N PHE A 43 -8.66 10.47 3.27
CA PHE A 43 -7.23 10.42 3.47
C PHE A 43 -6.87 10.64 4.95
N VAL A 44 -5.59 10.39 5.21
CA VAL A 44 -4.92 10.77 6.44
C VAL A 44 -4.01 11.94 6.14
N SER A 45 -4.08 12.99 6.95
N SER A 45 -4.09 12.98 6.97
CA SER A 45 -3.32 14.20 6.73
CA SER A 45 -3.34 14.22 6.75
C SER A 45 -2.03 14.19 7.55
C SER A 45 -2.04 14.21 7.55
N PRO A 46 -1.10 15.13 7.23
CA PRO A 46 0.15 15.22 7.99
C PRO A 46 -0.03 15.43 9.49
N ASP A 47 -1.10 16.09 9.91
CA ASP A 47 -1.36 16.27 11.33
CA ASP A 47 -1.48 16.27 11.31
C ASP A 47 -1.74 14.96 12.03
N ALA A 48 -1.79 13.86 11.29
CA ALA A 48 -1.98 12.53 11.85
C ALA A 48 -0.84 11.59 11.52
N TYR A 49 0.28 12.12 11.03
CA TYR A 49 1.41 11.25 10.71
C TYR A 49 2.04 10.60 11.95
N GLN A 50 1.87 11.23 13.12
CA GLN A 50 2.37 10.68 14.36
C GLN A 50 1.27 10.00 15.19
N ASN A 51 0.12 9.74 14.55
CA ASN A 51 -1.07 9.14 15.12
CA ASN A 51 -0.96 9.10 15.24
C ASN A 51 -1.24 7.76 14.53
N PRO A 52 -1.88 6.82 15.24
CA PRO A 52 -2.09 5.49 14.70
CA PRO A 52 -2.01 5.51 14.64
C PRO A 52 -2.82 5.43 13.37
N ASP A 53 -3.61 6.44 13.05
CA ASP A 53 -4.34 6.43 11.77
C ASP A 53 -3.43 6.29 10.56
N ILE A 54 -2.19 6.78 10.62
CA ILE A 54 -1.33 6.69 9.41
C ILE A 54 -0.94 5.24 9.11
N ILE A 55 -1.03 4.34 10.09
CA ILE A 55 -0.50 2.99 9.90
C ILE A 55 -1.28 2.26 8.82
N CYS A 56 -2.59 2.12 9.02
CA CYS A 56 -3.49 1.39 8.14
C CYS A 56 -4.80 2.17 7.86
N HIS A 57 -4.74 3.50 7.98
CA HIS A 57 -5.90 4.37 7.74
C HIS A 57 -6.74 4.48 9.03
N LYS A 58 -7.78 5.32 8.95
CA LYS A 58 -8.48 5.76 10.15
CA LYS A 58 -8.52 5.76 10.13
C LYS A 58 -9.09 4.61 10.94
N ASN A 59 -8.77 4.60 12.24
CA ASN A 59 -9.34 3.67 13.19
C ASN A 59 -9.14 2.24 12.77
N ALA A 60 -8.07 1.92 12.02
CA ALA A 60 -8.05 0.61 11.39
C ALA A 60 -7.90 -0.51 12.42
N THR A 61 -8.59 -1.61 12.13
CA THR A 61 -8.47 -2.82 12.91
C THR A 61 -8.16 -3.98 11.98
N ASN A 62 -7.54 -4.99 12.54
CA ASN A 62 -6.92 -6.04 11.76
C ASN A 62 -7.92 -6.73 10.85
N ALA A 63 -7.49 -6.99 9.61
CA ALA A 63 -8.18 -7.98 8.78
C ALA A 63 -8.15 -9.32 9.52
N LYS A 64 -9.23 -10.10 9.38
CA LYS A 64 -9.35 -11.32 10.16
CA LYS A 64 -9.40 -11.32 10.15
C LYS A 64 -9.05 -12.58 9.36
N GLY A 65 -8.53 -12.40 8.16
CA GLY A 65 -7.91 -13.49 7.42
C GLY A 65 -6.76 -12.96 6.56
N HIS A 66 -6.19 -13.87 5.77
CA HIS A 66 -4.99 -13.53 5.01
C HIS A 66 -4.97 -14.23 3.66
N ALA A 67 -4.13 -13.71 2.77
CA ALA A 67 -3.85 -14.33 1.50
C ALA A 67 -2.51 -15.03 1.53
N SER A 68 -2.48 -16.30 1.15
N SER A 68 -2.53 -16.29 1.10
CA SER A 68 -1.21 -17.04 1.14
CA SER A 68 -1.34 -17.06 0.79
C SER A 68 -0.56 -16.83 -0.22
C SER A 68 -0.60 -16.51 -0.42
N VAL A 69 0.71 -16.39 -0.22
CA VAL A 69 1.46 -16.08 -1.41
CA VAL A 69 1.56 -15.82 -1.28
C VAL A 69 2.85 -16.68 -1.32
N LYS A 70 3.46 -16.80 -2.50
N LYS A 70 3.43 -16.91 -2.51
CA LYS A 70 4.85 -17.24 -2.61
CA LYS A 70 4.85 -17.32 -2.60
C LYS A 70 5.74 -16.05 -2.86
C LYS A 70 5.73 -16.07 -2.86
N ALA A 71 6.90 -16.02 -2.23
CA ALA A 71 7.87 -15.03 -2.54
C ALA A 71 8.11 -15.04 -4.05
N GLY A 72 8.14 -13.84 -4.65
CA GLY A 72 8.23 -13.67 -6.09
C GLY A 72 6.89 -13.39 -6.78
N ASP A 73 5.79 -13.66 -6.09
CA ASP A 73 4.47 -13.41 -6.68
C ASP A 73 4.24 -11.91 -6.85
N THR A 74 3.42 -11.56 -7.85
CA THR A 74 3.04 -10.18 -8.01
C THR A 74 1.60 -10.00 -7.53
N ILE A 75 1.37 -8.83 -6.97
CA ILE A 75 0.06 -8.44 -6.42
C ILE A 75 -0.38 -7.17 -7.13
N LEU A 76 -1.56 -7.24 -7.71
CA LEU A 76 -2.23 -6.12 -8.36
C LEU A 76 -3.25 -5.54 -7.41
N PHE A 77 -3.18 -4.22 -7.22
CA PHE A 77 -4.13 -3.46 -6.41
C PHE A 77 -5.11 -2.75 -7.35
N GLN A 78 -6.41 -2.91 -7.09
CA GLN A 78 -7.46 -2.27 -7.91
C GLN A 78 -8.14 -1.17 -7.12
N TRP A 79 -7.91 0.08 -7.51
CA TRP A 79 -8.55 1.25 -6.89
C TRP A 79 -9.86 1.59 -7.61
N VAL A 80 -10.79 2.08 -6.85
CA VAL A 80 -12.05 2.63 -7.35
C VAL A 80 -12.39 3.90 -6.59
N PRO A 81 -13.16 4.83 -7.19
CA PRO A 81 -13.69 4.77 -8.53
C PRO A 81 -12.63 5.09 -9.61
N VAL A 82 -12.93 4.67 -10.83
CA VAL A 82 -12.10 4.96 -11.98
C VAL A 82 -12.51 6.32 -12.55
N PRO A 83 -11.60 7.27 -12.74
CA PRO A 83 -10.20 7.25 -12.48
C PRO A 83 -9.86 7.79 -11.10
N TRP A 84 -8.70 7.35 -10.58
CA TRP A 84 -8.08 8.03 -9.45
C TRP A 84 -7.84 9.49 -9.85
N PRO A 85 -8.14 10.46 -8.97
CA PRO A 85 -8.21 11.85 -9.40
C PRO A 85 -6.97 12.71 -9.19
N HIS A 86 -5.96 12.26 -8.48
CA HIS A 86 -4.91 13.16 -7.99
C HIS A 86 -3.49 12.76 -8.42
N PRO A 87 -2.60 13.76 -8.55
CA PRO A 87 -1.18 13.50 -8.83
C PRO A 87 -0.40 13.17 -7.54
N GLY A 88 0.45 12.15 -7.64
CA GLY A 88 1.40 11.89 -6.59
C GLY A 88 2.04 10.53 -6.68
N PRO A 89 2.90 10.24 -5.69
CA PRO A 89 3.67 8.99 -5.67
C PRO A 89 2.88 7.82 -5.13
N ILE A 90 3.45 6.63 -5.37
CA ILE A 90 2.87 5.37 -4.88
C ILE A 90 4.01 4.59 -4.23
N VAL A 91 3.75 4.05 -3.03
CA VAL A 91 4.74 3.27 -2.29
C VAL A 91 4.08 2.04 -1.72
N ASP A 92 4.93 1.04 -1.44
CA ASP A 92 4.48 -0.19 -0.80
C ASP A 92 5.49 -0.62 0.24
N TYR A 93 4.96 -1.10 1.36
CA TYR A 93 5.77 -1.59 2.47
C TYR A 93 5.26 -2.95 2.90
N LEU A 94 6.17 -3.70 3.55
CA LEU A 94 5.80 -4.89 4.32
C LEU A 94 6.23 -4.70 5.76
N ALA A 95 5.52 -5.33 6.70
CA ALA A 95 5.96 -5.38 8.09
C ALA A 95 5.68 -6.78 8.59
N ASN A 96 6.67 -7.40 9.23
CA ASN A 96 6.49 -8.73 9.78
C ASN A 96 5.51 -8.67 10.97
N CYS A 97 4.57 -9.60 11.00
CA CYS A 97 3.60 -9.66 12.09
C CYS A 97 4.10 -10.41 13.29
N ASN A 98 5.24 -11.11 13.14
CA ASN A 98 5.86 -11.88 14.21
C ASN A 98 4.84 -12.78 14.90
N GLY A 99 4.06 -13.48 14.12
CA GLY A 99 2.85 -14.17 14.56
C GLY A 99 1.76 -13.95 13.54
N ASP A 100 0.50 -14.22 13.92
CA ASP A 100 -0.59 -14.02 13.00
C ASP A 100 -0.83 -12.53 12.79
N CYS A 101 -1.03 -12.13 11.53
CA CYS A 101 -1.38 -10.72 11.29
C CYS A 101 -2.79 -10.38 11.79
N GLU A 102 -3.64 -11.38 11.97
CA GLU A 102 -4.99 -11.14 12.43
C GLU A 102 -5.05 -10.56 13.84
N THR A 103 -3.99 -10.74 14.63
CA THR A 103 -4.03 -10.26 16.00
C THR A 103 -2.80 -9.41 16.33
N VAL A 104 -1.97 -9.05 15.37
CA VAL A 104 -0.83 -8.19 15.68
C VAL A 104 -1.31 -6.81 16.12
N ASP A 105 -0.57 -6.19 17.03
CA ASP A 105 -0.82 -4.80 17.40
C ASP A 105 -0.20 -3.93 16.31
N LYS A 106 -1.03 -3.20 15.57
CA LYS A 106 -0.51 -2.40 14.46
C LYS A 106 0.52 -1.40 14.87
N THR A 107 0.49 -0.94 16.14
CA THR A 107 1.44 0.08 16.59
C THR A 107 2.86 -0.44 16.77
N THR A 108 3.04 -1.76 16.62
CA THR A 108 4.33 -2.42 16.72
C THR A 108 4.94 -2.73 15.35
N LEU A 109 4.18 -2.56 14.28
CA LEU A 109 4.64 -3.00 12.96
C LEU A 109 5.78 -2.10 12.49
N GLU A 110 6.85 -2.73 11.99
N GLU A 110 6.87 -2.75 12.05
CA GLU A 110 8.01 -2.01 11.51
CA GLU A 110 8.06 -2.10 11.51
C GLU A 110 8.11 -2.26 10.00
C GLU A 110 8.04 -2.29 9.99
N PHE A 111 7.78 -1.23 9.25
CA PHE A 111 7.60 -1.29 7.81
C PHE A 111 8.91 -1.09 7.07
N PHE A 112 9.20 -1.98 6.12
CA PHE A 112 10.29 -1.79 5.17
C PHE A 112 9.66 -1.59 3.78
N LYS A 113 10.27 -0.68 3.02
CA LYS A 113 9.71 -0.28 1.73
C LYS A 113 10.16 -1.21 0.62
N ILE A 114 9.21 -1.81 -0.07
CA ILE A 114 9.53 -2.70 -1.18
C ILE A 114 9.36 -2.09 -2.57
N ASP A 115 8.65 -0.97 -2.71
CA ASP A 115 8.69 -0.22 -3.97
C ASP A 115 8.32 1.21 -3.68
N GLY A 116 8.57 2.08 -4.67
CA GLY A 116 8.23 3.47 -4.54
C GLY A 116 8.55 4.21 -5.81
N VAL A 117 7.52 4.84 -6.38
CA VAL A 117 7.68 5.65 -7.61
C VAL A 117 7.11 7.01 -7.35
N GLY A 118 7.83 8.04 -7.79
CA GLY A 118 7.43 9.39 -7.57
C GLY A 118 7.14 10.16 -8.85
N LEU A 119 7.96 11.17 -9.10
CA LEU A 119 7.85 12.03 -10.25
C LEU A 119 8.60 11.38 -11.41
N LEU A 120 7.86 10.96 -12.44
N LEU A 120 7.90 11.07 -12.45
CA LEU A 120 8.44 10.37 -13.66
CA LEU A 120 8.51 10.41 -13.59
C LEU A 120 9.20 11.41 -14.44
C LEU A 120 9.14 11.37 -14.54
N SER A 121 8.54 12.55 -14.67
CA SER A 121 9.02 13.56 -15.63
CA SER A 121 9.02 13.53 -15.63
C SER A 121 8.32 14.88 -15.41
N GLY A 122 8.95 15.94 -15.85
CA GLY A 122 8.29 17.19 -16.02
C GLY A 122 7.98 17.89 -14.70
N GLY A 123 7.04 18.81 -14.74
CA GLY A 123 6.58 19.55 -13.61
C GLY A 123 5.37 20.37 -13.98
N ASP A 124 4.66 20.85 -12.95
CA ASP A 124 3.48 21.72 -13.16
C ASP A 124 2.40 21.08 -14.04
N PRO A 125 1.89 19.88 -13.67
CA PRO A 125 2.21 19.12 -12.48
C PRO A 125 3.31 18.08 -12.66
N GLY A 126 3.67 17.75 -13.90
CA GLY A 126 4.50 16.60 -14.21
C GLY A 126 3.69 15.32 -14.29
N THR A 127 4.37 14.26 -14.66
CA THR A 127 3.80 12.92 -14.72
C THR A 127 4.30 12.14 -13.50
N TRP A 128 3.38 11.47 -12.82
CA TRP A 128 3.62 10.83 -11.53
C TRP A 128 3.28 9.35 -11.63
N ALA A 129 3.68 8.61 -10.59
CA ALA A 129 3.19 7.24 -10.44
C ALA A 129 1.69 7.13 -10.60
N SER A 130 0.97 8.09 -10.00
CA SER A 130 -0.50 8.07 -10.09
C SER A 130 -1.00 8.06 -11.55
N ASP A 131 -0.31 8.74 -12.47
CA ASP A 131 -0.69 8.74 -13.86
C ASP A 131 -0.53 7.36 -14.50
N VAL A 132 0.46 6.60 -14.04
CA VAL A 132 0.65 5.22 -14.52
C VAL A 132 -0.53 4.36 -14.01
N LEU A 133 -0.86 4.52 -12.72
CA LEU A 133 -2.00 3.83 -12.16
C LEU A 133 -3.27 4.15 -12.95
N ILE A 134 -3.50 5.42 -13.26
CA ILE A 134 -4.71 5.82 -14.01
C ILE A 134 -4.70 5.15 -15.39
N SER A 135 -3.55 5.16 -16.07
CA SER A 135 -3.47 4.58 -17.40
CA SER A 135 -3.45 4.59 -17.40
C SER A 135 -3.79 3.09 -17.40
N ASN A 136 -3.38 2.38 -16.36
CA ASN A 136 -3.60 0.94 -16.26
C ASN A 136 -4.89 0.59 -15.54
N ASN A 137 -5.96 1.30 -15.92
CA ASN A 137 -7.29 1.07 -15.35
C ASN A 137 -7.27 1.05 -13.83
N ASN A 138 -6.56 2.01 -13.23
CA ASN A 138 -6.61 2.21 -11.81
C ASN A 138 -5.96 1.09 -11.00
N THR A 139 -4.85 0.54 -11.55
CA THR A 139 -4.15 -0.53 -10.89
C THR A 139 -2.71 -0.16 -10.66
N TRP A 140 -2.11 -0.88 -9.69
CA TRP A 140 -0.66 -0.83 -9.39
C TRP A 140 -0.24 -2.24 -9.14
N VAL A 141 0.96 -2.62 -9.59
CA VAL A 141 1.53 -3.96 -9.39
CA VAL A 141 1.47 -3.95 -9.31
C VAL A 141 2.77 -3.85 -8.53
N VAL A 142 2.84 -4.69 -7.48
N VAL A 142 2.87 -4.73 -7.53
CA VAL A 142 4.05 -4.84 -6.65
CA VAL A 142 4.09 -4.87 -6.74
C VAL A 142 4.46 -6.29 -6.69
C VAL A 142 4.47 -6.31 -6.64
N LYS A 143 5.77 -6.52 -6.58
CA LYS A 143 6.32 -7.87 -6.49
CA LYS A 143 6.31 -7.87 -6.49
C LYS A 143 6.80 -8.16 -5.08
N ILE A 144 6.33 -9.27 -4.51
CA ILE A 144 6.89 -9.72 -3.23
C ILE A 144 8.32 -10.24 -3.52
N PRO A 145 9.35 -9.71 -2.86
CA PRO A 145 10.74 -10.08 -3.21
C PRO A 145 10.94 -11.59 -3.25
N ASP A 146 11.68 -12.04 -4.25
CA ASP A 146 11.96 -13.45 -4.41
C ASP A 146 12.61 -14.08 -3.19
N ASN A 147 13.45 -13.30 -2.52
CA ASN A 147 14.19 -13.80 -1.39
CA ASN A 147 14.22 -13.81 -1.38
C ASN A 147 13.62 -13.45 -0.02
N LEU A 148 12.37 -12.94 0.03
CA LEU A 148 11.78 -12.59 1.31
C LEU A 148 11.67 -13.81 2.21
N ALA A 149 12.02 -13.64 3.48
CA ALA A 149 11.92 -14.75 4.41
C ALA A 149 10.46 -15.15 4.60
N PRO A 150 10.19 -16.41 4.73
N PRO A 150 10.17 -16.42 4.80
CA PRO A 150 8.87 -16.84 5.08
CA PRO A 150 8.80 -16.80 5.02
C PRO A 150 8.34 -16.12 6.34
C PRO A 150 8.29 -16.23 6.34
N GLY A 151 7.02 -15.89 6.36
CA GLY A 151 6.42 -15.23 7.52
C GLY A 151 5.07 -14.65 7.15
N ASN A 152 4.43 -14.08 8.16
CA ASN A 152 3.18 -13.34 7.96
C ASN A 152 3.52 -11.86 7.98
N TYR A 153 2.98 -11.12 7.02
CA TYR A 153 3.29 -9.72 6.87
C TYR A 153 2.04 -8.90 6.59
N VAL A 154 2.01 -7.68 7.12
CA VAL A 154 1.07 -6.67 6.65
C VAL A 154 1.74 -5.98 5.45
N LEU A 155 1.00 -5.96 4.35
CA LEU A 155 1.34 -5.25 3.12
C LEU A 155 0.60 -3.90 3.18
N ARG A 156 1.34 -2.81 3.21
CA ARG A 156 0.80 -1.47 3.32
C ARG A 156 1.08 -0.77 2.01
N HIS A 157 0.02 -0.63 1.20
CA HIS A 157 0.06 0.05 -0.10
C HIS A 157 -0.45 1.47 0.07
N GLU A 158 0.12 2.45 -0.61
CA GLU A 158 -0.30 3.82 -0.34
C GLU A 158 -0.10 4.68 -1.57
N ILE A 159 -1.13 5.49 -1.87
CA ILE A 159 -1.02 6.62 -2.79
C ILE A 159 -0.95 7.86 -1.94
N ILE A 160 -0.09 8.81 -2.32
CA ILE A 160 -0.07 10.13 -1.67
C ILE A 160 -0.51 11.11 -2.76
N ALA A 161 -1.46 11.98 -2.45
CA ALA A 161 -1.90 13.02 -3.35
C ALA A 161 -1.27 14.34 -2.96
N LEU A 162 -0.72 15.04 -3.97
CA LEU A 162 0.07 16.23 -3.76
C LEU A 162 -0.54 17.49 -4.34
N HIS A 163 -1.75 17.44 -4.89
CA HIS A 163 -2.33 18.63 -5.51
C HIS A 163 -2.51 19.80 -4.54
N SER A 164 -2.64 19.51 -3.25
CA SER A 164 -2.81 20.55 -2.19
C SER A 164 -1.64 20.57 -1.24
N ALA A 165 -0.54 19.91 -1.60
CA ALA A 165 0.60 19.72 -0.69
C ALA A 165 1.51 20.90 -0.56
N GLY A 166 1.24 21.99 -1.30
CA GLY A 166 2.07 23.18 -1.16
C GLY A 166 1.87 23.92 0.12
N GLN A 167 0.78 23.62 0.81
CA GLN A 167 0.48 24.21 2.12
C GLN A 167 0.73 23.18 3.24
N ALA A 168 1.10 23.70 4.41
CA ALA A 168 1.21 22.87 5.59
C ALA A 168 -0.07 22.06 5.79
N ASN A 169 0.08 20.78 6.08
CA ASN A 169 -1.03 19.89 6.29
C ASN A 169 -1.82 19.56 5.04
N GLY A 170 -1.28 19.84 3.87
CA GLY A 170 -2.03 19.68 2.62
C GLY A 170 -1.91 18.36 1.91
N ALA A 171 -0.81 17.64 2.12
CA ALA A 171 -0.67 16.32 1.50
C ALA A 171 -1.79 15.41 1.99
N GLN A 172 -2.15 14.43 1.15
CA GLN A 172 -3.21 13.49 1.50
C GLN A 172 -2.70 12.08 1.30
N ASN A 173 -2.70 11.28 2.37
CA ASN A 173 -2.18 9.91 2.30
C ASN A 173 -3.34 8.93 2.29
N TYR A 174 -3.23 7.90 1.45
CA TYR A 174 -4.28 6.90 1.29
C TYR A 174 -3.71 5.51 1.51
N PRO A 175 -3.35 5.16 2.76
CA PRO A 175 -2.82 3.81 3.04
C PRO A 175 -3.92 2.77 3.05
N GLN A 176 -3.53 1.56 2.62
CA GLN A 176 -4.43 0.40 2.58
C GLN A 176 -3.59 -0.83 2.98
N CYS A 177 -4.00 -1.48 4.05
CA CYS A 177 -3.27 -2.64 4.57
C CYS A 177 -3.96 -3.94 4.26
N PHE A 178 -3.14 -4.98 4.05
CA PHE A 178 -3.58 -6.32 3.71
C PHE A 178 -2.73 -7.34 4.46
N ASN A 179 -3.34 -8.47 4.83
CA ASN A 179 -2.58 -9.55 5.46
C ASN A 179 -2.15 -10.59 4.43
N ILE A 180 -0.86 -10.89 4.40
CA ILE A 180 -0.35 -11.96 3.57
C ILE A 180 0.46 -12.96 4.42
N ALA A 181 0.51 -14.19 3.92
CA ALA A 181 1.34 -15.25 4.50
C ALA A 181 2.25 -15.70 3.38
N VAL A 182 3.55 -15.51 3.57
CA VAL A 182 4.54 -15.72 2.52
C VAL A 182 5.33 -17.01 2.75
N SER A 183 5.44 -17.84 1.71
CA SER A 183 6.37 -18.97 1.73
CA SER A 183 6.30 -19.01 1.69
C SER A 183 7.48 -18.68 0.76
N GLY A 184 8.67 -19.28 0.94
N GLY A 184 8.64 -19.25 1.05
CA GLY A 184 9.80 -19.11 0.00
CA GLY A 184 9.79 -19.02 0.24
C GLY A 184 11.14 -19.67 0.47
C GLY A 184 10.96 -19.59 0.98
N SER A 185 12.18 -19.54 -0.37
N SER A 185 12.01 -19.79 0.23
CA SER A 185 13.53 -20.11 -0.12
CA SER A 185 13.26 -20.29 0.75
C SER A 185 14.52 -19.18 0.51
C SER A 185 14.29 -19.21 1.12
N GLY A 186 14.11 -17.92 0.71
CA GLY A 186 15.08 -16.92 1.07
C GLY A 186 15.01 -16.57 2.56
N SER A 187 15.88 -15.66 2.92
CA SER A 187 16.02 -15.24 4.32
CA SER A 187 16.09 -15.23 4.30
C SER A 187 16.01 -13.74 4.49
N LEU A 188 15.67 -12.98 3.46
CA LEU A 188 15.70 -11.51 3.55
C LEU A 188 14.70 -11.04 4.63
N GLN A 189 15.18 -10.25 5.55
CA GLN A 189 14.32 -9.72 6.63
C GLN A 189 14.77 -8.30 6.94
N PRO A 190 14.33 -7.34 6.11
CA PRO A 190 14.90 -6.01 6.15
C PRO A 190 14.47 -5.21 7.39
N SER A 191 15.32 -4.28 7.75
CA SER A 191 15.06 -3.34 8.82
C SER A 191 13.91 -2.40 8.50
N GLY A 192 12.96 -2.28 9.41
CA GLY A 192 11.78 -1.42 9.19
C GLY A 192 11.69 -0.23 10.10
N VAL A 193 10.66 0.58 9.83
CA VAL A 193 10.37 1.82 10.53
C VAL A 193 8.94 1.75 11.03
N LEU A 194 8.69 2.14 12.28
CA LEU A 194 7.33 2.20 12.78
C LEU A 194 6.46 3.09 11.90
N GLY A 195 5.20 2.71 11.73
CA GLY A 195 4.31 3.54 10.92
C GLY A 195 4.26 4.99 11.30
N THR A 196 4.24 5.30 12.60
CA THR A 196 4.14 6.70 13.03
C THR A 196 5.49 7.45 12.97
N ASP A 197 6.54 6.76 12.53
CA ASP A 197 7.83 7.39 12.26
C ASP A 197 8.11 7.51 10.77
N LEU A 198 7.22 7.05 9.88
CA LEU A 198 7.52 7.09 8.46
C LEU A 198 7.65 8.52 7.93
N TYR A 199 6.70 9.38 8.26
CA TYR A 199 6.53 10.66 7.56
C TYR A 199 6.40 11.82 8.56
N HIS A 200 6.87 12.97 8.12
CA HIS A 200 6.71 14.20 8.85
C HIS A 200 6.15 15.29 7.96
N ALA A 201 5.43 16.22 8.56
CA ALA A 201 4.70 17.25 7.85
C ALA A 201 5.60 18.21 7.09
N THR A 202 6.87 18.29 7.44
CA THR A 202 7.84 19.15 6.75
C THR A 202 8.74 18.38 5.78
N ASP A 203 8.52 17.09 5.58
CA ASP A 203 9.41 16.36 4.68
C ASP A 203 9.35 16.96 3.28
N PRO A 204 10.46 16.87 2.53
CA PRO A 204 10.51 17.54 1.21
C PRO A 204 9.55 16.98 0.19
N GLY A 205 9.10 15.74 0.35
CA GLY A 205 8.09 15.18 -0.53
C GLY A 205 6.66 15.25 0.00
N VAL A 206 6.50 15.92 1.14
CA VAL A 206 5.19 16.14 1.80
C VAL A 206 4.74 17.59 1.66
N LEU A 207 5.65 18.51 2.00
CA LEU A 207 5.37 19.94 1.91
C LEU A 207 6.09 20.42 0.65
N ILE A 208 5.35 20.49 -0.43
CA ILE A 208 5.92 20.62 -1.76
C ILE A 208 4.90 21.24 -2.69
N ASN A 209 5.37 22.17 -3.51
CA ASN A 209 4.58 22.72 -4.61
C ASN A 209 4.96 21.99 -5.87
N ILE A 210 4.03 21.22 -6.43
CA ILE A 210 4.30 20.52 -7.67
C ILE A 210 3.99 21.39 -8.92
N TYR A 211 3.42 22.59 -8.67
CA TYR A 211 2.99 23.50 -9.75
C TYR A 211 4.09 24.50 -10.08
N THR A 212 5.25 23.93 -10.38
CA THR A 212 6.45 24.66 -10.68
C THR A 212 7.26 23.76 -11.60
N SER A 213 8.13 24.37 -12.42
CA SER A 213 8.99 23.57 -13.31
C SER A 213 10.27 24.41 -13.55
N PRO A 214 11.46 23.77 -13.48
CA PRO A 214 11.71 22.36 -13.28
C PRO A 214 11.39 21.89 -11.85
N LEU A 215 11.23 20.60 -11.66
CA LEU A 215 10.78 20.04 -10.41
C LEU A 215 11.55 18.74 -10.17
N ASN A 216 11.98 18.56 -8.92
CA ASN A 216 12.52 17.31 -8.43
C ASN A 216 11.66 16.82 -7.25
N TYR A 217 11.77 15.51 -6.95
CA TYR A 217 10.91 14.92 -5.93
C TYR A 217 11.59 13.84 -5.13
N ILE A 218 11.60 13.98 -3.79
CA ILE A 218 12.12 12.98 -2.87
C ILE A 218 10.93 12.24 -2.27
N ILE A 219 10.75 10.99 -2.61
CA ILE A 219 9.63 10.23 -2.10
C ILE A 219 9.81 10.11 -0.58
N PRO A 220 8.77 10.38 0.23
CA PRO A 220 8.85 10.26 1.65
CA PRO A 220 9.03 10.27 1.64
C PRO A 220 9.07 8.82 2.11
N GLY A 221 9.55 8.71 3.34
CA GLY A 221 9.76 7.43 3.98
C GLY A 221 11.17 6.87 3.77
N PRO A 222 11.41 5.66 4.26
CA PRO A 222 12.73 5.05 4.17
C PRO A 222 13.04 4.59 2.76
N THR A 223 14.30 4.25 2.54
CA THR A 223 14.75 3.70 1.27
C THR A 223 14.05 2.41 0.88
N VAL A 224 13.85 2.20 -0.41
CA VAL A 224 13.52 0.89 -0.91
C VAL A 224 14.70 -0.06 -0.57
N VAL A 225 14.34 -1.24 -0.08
CA VAL A 225 15.37 -2.22 0.31
C VAL A 225 16.33 -2.44 -0.86
N SER A 226 17.63 -2.50 -0.51
CA SER A 226 18.63 -2.72 -1.54
C SER A 226 18.38 -4.03 -2.28
N GLY A 227 18.58 -3.99 -3.58
CA GLY A 227 18.44 -5.13 -4.45
C GLY A 227 17.07 -5.29 -5.07
N LEU A 228 16.10 -4.48 -4.65
CA LEU A 228 14.77 -4.51 -5.25
C LEU A 228 14.66 -3.39 -6.28
N PRO A 229 14.01 -3.65 -7.39
CA PRO A 229 13.69 -2.56 -8.32
C PRO A 229 12.72 -1.60 -7.64
N THR A 230 12.82 -0.32 -7.91
CA THR A 230 11.88 0.59 -7.24
C THR A 230 10.47 0.48 -7.80
N SER A 231 10.31 -0.15 -8.96
CA SER A 231 9.03 -0.65 -9.40
C SER A 231 9.29 -1.80 -10.35
N VAL A 232 8.35 -2.72 -10.40
CA VAL A 232 8.34 -3.73 -11.45
C VAL A 232 7.42 -3.26 -12.59
N ALA A 233 7.52 -3.91 -13.73
CA ALA A 233 6.79 -3.44 -14.90
C ALA A 233 5.29 -3.41 -14.59
N GLN A 234 4.70 -2.24 -14.81
CA GLN A 234 3.26 -2.01 -14.58
C GLN A 234 2.44 -2.48 -15.78
N GLY A 235 1.19 -2.83 -15.50
CA GLY A 235 0.24 -3.28 -16.50
C GLY A 235 -0.80 -4.14 -15.84
N SER A 236 -2.07 -3.86 -16.16
CA SER A 236 -3.18 -4.58 -15.53
C SER A 236 -3.31 -5.96 -16.13
N SER A 237 -3.77 -6.90 -15.32
CA SER A 237 -4.16 -8.21 -15.84
C SER A 237 -5.41 -8.65 -15.10
N ALA A 238 -6.16 -9.50 -15.78
CA ALA A 238 -7.42 -10.00 -15.26
C ALA A 238 -7.19 -11.14 -14.29
N ALA A 239 -8.08 -11.31 -13.33
CA ALA A 239 -8.09 -12.50 -12.54
C ALA A 239 -8.62 -13.67 -13.34
N THR A 240 -8.14 -14.87 -13.02
N THR A 240 -8.15 -14.85 -12.98
CA THR A 240 -8.74 -16.09 -13.56
CA THR A 240 -8.64 -16.07 -13.57
C THR A 240 -9.50 -16.90 -12.54
C THR A 240 -9.29 -17.02 -12.54
N ALA A 241 -9.30 -16.62 -11.26
CA ALA A 241 -9.93 -17.40 -10.21
C ALA A 241 -10.11 -16.46 -9.03
N THR A 242 -10.88 -16.93 -8.06
CA THR A 242 -11.19 -16.17 -6.85
C THR A 242 -10.90 -17.03 -5.63
N ALA A 243 -10.44 -16.37 -4.59
CA ALA A 243 -10.22 -17.01 -3.31
C ALA A 243 -10.77 -16.14 -2.21
N SER A 244 -10.86 -16.70 -1.01
CA SER A 244 -11.29 -16.00 0.16
C SER A 244 -10.16 -15.89 1.15
N ALA A 245 -10.23 -14.87 1.98
CA ALA A 245 -9.27 -14.70 3.05
C ALA A 245 -9.29 -15.93 3.96
N THR A 246 -8.11 -16.49 4.23
CA THR A 246 -7.97 -17.69 5.02
C THR A 246 -7.87 -17.29 6.49
N VAL A 247 -8.71 -17.92 7.32
CA VAL A 247 -8.72 -17.61 8.74
C VAL A 247 -7.73 -18.53 9.46
N PRO A 248 -7.02 -18.04 10.44
CA PRO A 248 -6.28 -18.93 11.31
C PRO A 248 -7.24 -19.94 12.01
C1 NAG B . -12.69 6.86 14.82
C2 NAG B . -14.01 7.44 14.30
C3 NAG B . -14.39 8.62 15.20
C4 NAG B . -14.41 8.24 16.66
C5 NAG B . -13.12 7.57 17.05
C6 NAG B . -13.10 7.01 18.50
C7 NAG B . -14.63 7.70 11.95
C8 NAG B . -14.32 8.38 10.65
N2 NAG B . -13.82 7.93 12.94
O3 NAG B . -15.68 9.11 14.80
O4 NAG B . -14.65 9.40 17.48
O5 NAG B . -12.88 6.48 16.19
O6 NAG B . -14.28 6.28 18.78
O6 NAG B . -11.72 6.83 18.76
O7 NAG B . -15.59 6.95 12.06
C1 NAG C . -11.46 -1.32 -14.80
C2 NAG C . -12.20 -2.47 -15.39
C3 NAG C . -13.66 -2.41 -14.92
C4 NAG C . -13.76 -2.37 -13.43
C5 NAG C . -12.83 -1.31 -12.84
C6 NAG C . -12.67 -1.46 -11.35
C7 NAG C . -12.00 -3.55 -17.57
C8 NAG C . -11.95 -3.36 -19.04
N2 NAG C . -12.12 -2.45 -16.83
O3 NAG C . -14.43 -3.49 -15.43
O4 NAG C . -15.10 -2.10 -12.99
O5 NAG C . -11.49 -1.47 -13.38
O6 NAG C . -12.25 -2.76 -10.98
O7 NAG C . -11.90 -4.67 -17.05
C1 MAN D . 17.28 -0.63 10.09
C2 MAN D . 17.26 -0.22 11.55
C3 MAN D . 15.98 0.53 11.86
C4 MAN D . 15.78 1.68 10.87
C5 MAN D . 15.87 1.20 9.43
C6 MAN D . 15.79 2.41 8.50
O2 MAN D . 18.37 0.66 11.86
O3 MAN D . 16.01 1.00 13.22
O4 MAN D . 14.48 2.26 11.09
O5 MAN D . 17.09 0.50 9.20
O6 MAN D . 15.64 2.05 7.15
C1 MAN E . 4.92 6.97 16.32
C2 MAN E . 5.99 6.24 17.11
C3 MAN E . 5.30 5.10 17.90
C4 MAN E . 4.10 5.58 18.73
C5 MAN E . 3.18 6.43 17.90
C6 MAN E . 2.10 7.14 18.69
O2 MAN E . 6.59 7.13 18.02
O3 MAN E . 6.24 4.40 18.74
O4 MAN E . 3.34 4.46 19.20
O5 MAN E . 3.90 7.46 17.19
O6 MAN E . 1.05 7.60 17.92
C1 MAN F . 10.83 18.76 8.49
C2 MAN F . 11.35 17.36 8.86
C3 MAN F . 11.06 17.03 10.30
C4 MAN F . 11.63 18.13 11.16
C5 MAN F . 11.03 19.46 10.74
C6 MAN F . 11.58 20.57 11.62
O2 MAN F . 12.77 17.26 8.67
O3 MAN F . 11.60 15.75 10.66
O4 MAN F . 11.29 17.78 12.51
O5 MAN F . 11.35 19.73 9.37
O6 MAN F . 10.99 21.83 11.23
C1 MAN G . 9.01 26.54 -8.83
C2 MAN G . 9.93 27.52 -9.61
C3 MAN G . 10.99 26.71 -10.37
C4 MAN G . 11.75 25.78 -9.44
C5 MAN G . 10.79 24.92 -8.61
C6 MAN G . 11.52 24.23 -7.48
O2 MAN G . 10.56 28.40 -8.71
O3 MAN G . 11.93 27.57 -11.02
O4 MAN G . 12.64 24.94 -10.20
O5 MAN G . 9.82 25.76 -7.95
O6 MAN G . 10.84 23.01 -7.18
C1 MAN H . 8.58 22.14 -16.62
C2 MAN H . 9.44 20.94 -17.14
C3 MAN H . 10.91 21.35 -17.28
C4 MAN H . 11.04 22.65 -18.05
C5 MAN H . 10.21 23.73 -17.40
C6 MAN H . 10.41 25.05 -18.12
O2 MAN H . 8.89 20.59 -18.37
O3 MAN H . 11.70 20.39 -18.00
O4 MAN H . 12.41 23.03 -18.06
O5 MAN H . 8.84 23.32 -17.40
O6 MAN H . 11.78 25.42 -18.00
C1 MAN I . 11.79 3.75 -8.76
C1 MAN I . 11.90 3.76 -8.84
C2 MAN I . 11.63 4.04 -10.24
C2 MAN I . 11.63 3.66 -10.34
C3 MAN I . 12.98 4.19 -10.91
C3 MAN I . 12.94 3.50 -11.13
C4 MAN I . 13.73 5.31 -10.25
C4 MAN I . 13.87 4.67 -10.70
C5 MAN I . 13.79 5.04 -8.75
C5 MAN I . 14.14 4.63 -9.19
C6 MAN I . 14.55 6.17 -8.11
C6 MAN I . 15.08 5.72 -8.70
O2 MAN I . 10.88 5.25 -10.35
O2 MAN I . 10.91 4.86 -10.69
O3 MAN I . 12.79 4.44 -12.31
O3 MAN I . 12.72 3.53 -12.53
O4 MAN I . 15.06 5.34 -10.79
O4 MAN I . 15.12 4.56 -11.38
O5 MAN I . 12.49 4.81 -8.13
O5 MAN I . 12.86 4.74 -8.53
O6 MAN I . 14.71 5.80 -6.77
O6 MAN I . 14.46 7.01 -8.63
C1 MAN J . 16.90 1.33 2.44
C2 MAN J . 16.71 0.68 3.78
C3 MAN J . 17.70 1.20 4.81
C4 MAN J . 19.12 1.10 4.24
C5 MAN J . 19.19 1.75 2.90
C6 MAN J . 20.59 1.51 2.34
O2 MAN J . 16.86 -0.73 3.63
O3 MAN J . 17.59 0.51 6.06
O4 MAN J . 19.97 1.71 5.24
O5 MAN J . 18.25 1.23 1.98
O6 MAN J . 20.72 0.17 1.87
C1 MAN K . 22.28 -2.91 -1.77
C1 MAN K . 22.24 -3.28 -1.61
C2 MAN K . 22.95 -2.89 -3.13
C2 MAN K . 23.09 -3.26 -2.89
C3 MAN K . 22.64 -4.24 -3.79
C3 MAN K . 22.85 -4.50 -3.72
C4 MAN K . 23.06 -5.41 -2.92
C4 MAN K . 23.12 -5.61 -2.74
C5 MAN K . 22.56 -5.22 -1.47
C5 MAN K . 22.01 -5.65 -1.72
C6 MAN K . 23.11 -6.17 -0.43
C6 MAN K . 22.24 -6.83 -0.79
O2 MAN K . 24.35 -2.60 -2.97
O2 MAN K . 24.46 -3.23 -2.51
O3 MAN K . 23.36 -4.29 -5.03
O3 MAN K . 23.79 -4.61 -4.80
O4 MAN K . 22.55 -6.59 -3.53
O4 MAN K . 23.28 -6.80 -3.46
O5 MAN K . 22.75 -3.93 -0.92
O5 MAN K . 22.31 -4.54 -0.93
O6 MAN K . 24.51 -5.97 -0.23
O6 MAN K . 21.61 -6.71 0.48
C1 MAN L . 8.31 0.50 -12.46
C2 MAN L . 9.40 0.62 -13.51
C3 MAN L . 9.71 2.09 -13.82
C4 MAN L . 8.45 2.83 -14.23
C5 MAN L . 7.39 2.63 -13.13
C6 MAN L . 6.05 3.21 -13.54
O2 MAN L . 8.99 -0.07 -14.69
O3 MAN L . 10.72 2.19 -14.85
O4 MAN L . 8.66 4.22 -14.37
O5 MAN L . 7.17 1.24 -12.87
O6 MAN L . 5.56 2.63 -14.76
C1 MAN M . -6.69 -3.68 -15.05
C2 MAN M . -7.68 -4.47 -14.25
C3 MAN M . -8.11 -5.72 -14.97
C4 MAN M . -8.57 -5.44 -16.37
C5 MAN M . -7.54 -4.57 -17.09
C6 MAN M . -8.04 -4.09 -18.44
O2 MAN M . -8.81 -3.62 -14.03
O3 MAN M . -9.15 -6.39 -14.24
O4 MAN M . -8.73 -6.68 -17.07
O5 MAN M . -7.19 -3.41 -16.35
O6 MAN M . -6.99 -3.43 -19.16
C1 MAN N . -1.86 -10.54 -14.15
C1 MAN N . -2.02 -10.70 -14.21
C2 MAN N . -2.14 -11.28 -12.86
C2 MAN N . -2.43 -11.25 -12.86
C3 MAN N . -1.96 -10.34 -11.65
C3 MAN N . -2.08 -10.30 -11.72
C4 MAN N . -0.57 -9.73 -11.70
C4 MAN N . -0.59 -9.98 -11.80
C5 MAN N . -0.40 -9.01 -13.03
C5 MAN N . -0.26 -9.38 -13.18
C6 MAN N . 0.97 -8.43 -13.22
C6 MAN N . 1.23 -9.10 -13.33
O2 MAN N . -1.28 -12.40 -12.71
O2 MAN N . -1.80 -12.52 -12.69
O3 MAN N . -2.20 -11.06 -10.44
O3 MAN N . -2.42 -10.90 -10.47
O4 MAN N . -0.42 -8.83 -10.61
O4 MAN N . -0.28 -9.10 -10.74
O5 MAN N . -0.61 -9.90 -14.12
O5 MAN N . -0.67 -10.26 -14.21
O6 MAN N . 1.97 -9.45 -12.99
O6 MAN N . 1.63 -8.57 -14.61
C1 MAN O . -6.80 -18.68 -12.77
C1 MAN O . -6.23 -18.62 -13.53
C2 MAN O . -5.90 -18.83 -11.55
C2 MAN O . -5.56 -19.05 -12.26
C3 MAN O . -4.44 -18.69 -11.91
C3 MAN O . -4.29 -18.19 -12.08
C4 MAN O . -4.10 -19.61 -13.02
C4 MAN O . -3.38 -18.28 -13.32
C5 MAN O . -5.03 -19.42 -14.21
C5 MAN O . -4.14 -17.98 -14.60
C6 MAN O . -4.82 -20.46 -15.31
C6 MAN O . -3.35 -18.24 -15.86
O2 MAN O . -6.22 -20.14 -11.09
O2 MAN O . -5.23 -20.45 -12.31
O3 MAN O . -3.63 -19.14 -10.84
O3 MAN O . -3.61 -18.55 -10.90
O4 MAN O . -2.79 -19.39 -13.50
O4 MAN O . -2.31 -17.31 -13.20
O5 MAN O . -6.41 -19.48 -13.84
O5 MAN O . -5.33 -18.79 -14.63
O6 MAN O . -5.25 -21.77 -14.91
O6 MAN O . -3.31 -19.65 -16.04
C1 MAN P . -13.93 -14.98 -8.85
C2 MAN P . -13.60 -14.70 -10.29
C3 MAN P . -13.19 -13.22 -10.32
C4 MAN P . -14.22 -12.31 -9.68
C5 MAN P . -14.54 -12.76 -8.29
C6 MAN P . -15.64 -11.92 -7.65
O2 MAN P . -14.77 -15.01 -11.05
O3 MAN P . -13.09 -12.84 -11.66
O4 MAN P . -13.90 -10.94 -9.72
O5 MAN P . -14.94 -14.11 -8.39
O6 MAN P . -16.13 -12.63 -6.51
C1 MAN Q . -14.69 -17.48 0.49
C2 MAN Q . -15.78 -17.43 -0.53
C3 MAN Q . -16.20 -15.98 -0.66
C4 MAN Q . -16.73 -15.44 0.68
C5 MAN Q . -15.67 -15.60 1.74
C6 MAN Q . -16.20 -15.26 3.13
O2 MAN Q . -16.81 -18.28 -0.05
O3 MAN Q . -17.25 -15.86 -1.62
O4 MAN Q . -16.99 -14.05 0.54
O5 MAN Q . -15.18 -16.94 1.73
O6 MAN Q . -17.25 -16.16 3.48
C1 MAN R . -5.59 -18.34 2.48
C2 MAN R . -6.00 -18.21 1.04
C3 MAN R . -6.41 -19.53 0.45
C4 MAN R . -5.34 -20.59 0.72
C5 MAN R . -4.96 -20.65 2.20
C6 MAN R . -3.78 -21.58 2.44
O2 MAN R . -4.86 -17.66 0.34
O3 MAN R . -6.62 -19.39 -0.95
O4 MAN R . -5.84 -21.87 0.34
O5 MAN R . -4.60 -19.34 2.67
O6 MAN R . -3.48 -21.66 3.83
CU CU S . -9.31 12.89 -3.19
S SO4 T . -9.74 17.98 -2.91
O1 SO4 T . -9.59 18.89 -4.05
O2 SO4 T . -10.69 18.69 -2.03
O3 SO4 T . -10.23 16.65 -3.40
O4 SO4 T . -8.49 17.73 -2.28
S SO4 U . 5.29 15.56 -18.82
O1 SO4 U . 4.98 14.85 -20.10
O2 SO4 U . 5.34 17.01 -19.08
O3 SO4 U . 6.52 15.02 -18.20
O4 SO4 U . 4.25 15.32 -17.82
S SO4 V . 16.35 5.60 5.36
O1 SO4 V . 15.48 6.34 6.34
O2 SO4 V . 16.23 6.25 4.03
O3 SO4 V . 15.81 4.25 5.30
O4 SO4 V . 17.82 5.63 5.68
#